data_9UDP
#
_entry.id   9UDP
#
_cell.length_a   39.762
_cell.length_b   71.956
_cell.length_c   81.289
_cell.angle_alpha   90.000
_cell.angle_beta   90.000
_cell.angle_gamma   90.000
#
_symmetry.space_group_name_H-M   'P 21 21 21'
#
loop_
_entity.id
_entity.type
_entity.pdbx_description
1 polymer 'Single-chain Fv antibody of B2'
2 non-polymer 'FORMIC ACID'
3 non-polymer GLYCEROL
4 water water
#
_entity_poly.entity_id   1
_entity_poly.type   'polypeptide(L)'
_entity_poly.pdbx_seq_one_letter_code
;GSQAVVTQESALTTSPGETVTLTCRSSTGAVTTSNYANWVQEKPDHLFTGLIGGTNNRAPGVPARFSGSLIGDKAALTIT
GAQTEDEAIYFCALWYSNHWVFGGGTKLTVLGGGGGSGGGGSGGGGSQVQLQQPGAELVKPGASVKLSCKASGYTFTSYL
MHWVKQRPGRGLEWIGRIDPNSGGTKYSEKFKSKATLTVDKPSSTAYMQFSSLTSEDSAVYYCARYYYGAYFDYWGQGTT
LTVSS
;
_entity_poly.pdbx_strand_id   A
#
loop_
_chem_comp.id
_chem_comp.type
_chem_comp.name
_chem_comp.formula
FMT non-polymer 'FORMIC ACID' 'C H2 O2'
GOL non-polymer GLYCEROL 'C3 H8 O3'
#
# COMPACT_ATOMS: atom_id res chain seq x y z
N SER A 2 -17.88 -9.90 3.78
CA SER A 2 -16.98 -10.62 4.67
C SER A 2 -15.56 -10.61 4.12
N GLN A 3 -15.01 -9.41 3.94
CA GLN A 3 -13.65 -9.27 3.43
C GLN A 3 -12.68 -10.03 4.32
N ALA A 4 -11.68 -10.64 3.69
CA ALA A 4 -10.64 -11.30 4.45
C ALA A 4 -9.95 -10.31 5.37
N VAL A 5 -9.43 -10.82 6.48
CA VAL A 5 -8.60 -10.06 7.40
C VAL A 5 -7.18 -10.61 7.27
N VAL A 6 -6.22 -9.72 7.09
CA VAL A 6 -4.82 -10.09 6.93
C VAL A 6 -4.11 -9.63 8.20
N THR A 7 -3.41 -10.56 8.88
CA THR A 7 -2.82 -10.29 10.18
CA THR A 7 -2.81 -10.24 10.16
C THR A 7 -1.29 -10.38 10.11
N GLN A 8 -0.63 -9.40 10.71
CA GLN A 8 0.83 -9.35 10.85
C GLN A 8 1.17 -9.18 12.32
N GLU A 9 2.39 -9.55 12.70
CA GLU A 9 2.85 -9.23 14.05
C GLU A 9 2.77 -7.72 14.26
N SER A 10 2.29 -7.29 15.43
CA SER A 10 2.20 -5.85 15.65
CA SER A 10 2.20 -5.84 15.66
C SER A 10 3.58 -5.20 15.72
N ALA A 11 4.53 -5.85 16.36
CA ALA A 11 5.84 -5.26 16.57
C ALA A 11 6.84 -6.36 16.78
N LEU A 12 8.03 -6.17 16.20
CA LEU A 12 9.16 -7.08 16.42
C LEU A 12 10.40 -6.24 16.62
N THR A 13 11.36 -6.77 17.37
CA THR A 13 12.62 -6.10 17.62
C THR A 13 13.77 -6.98 17.13
N THR A 14 14.72 -6.36 16.45
CA THR A 14 15.94 -7.03 16.03
C THR A 14 17.12 -6.10 16.33
N SER A 15 18.30 -6.49 15.88
CA SER A 15 19.51 -5.72 16.07
C SER A 15 20.38 -5.88 14.83
N PRO A 16 21.33 -4.97 14.62
CA PRO A 16 22.06 -5.00 13.35
C PRO A 16 22.81 -6.30 13.16
N GLY A 17 22.73 -6.83 11.95
CA GLY A 17 23.41 -8.05 11.57
C GLY A 17 22.60 -9.31 11.77
N GLU A 18 21.49 -9.23 12.52
CA GLU A 18 20.65 -10.40 12.73
C GLU A 18 19.81 -10.68 11.50
N THR A 19 19.26 -11.89 11.47
CA THR A 19 18.24 -12.24 10.50
C THR A 19 16.90 -12.29 11.23
N VAL A 20 15.90 -11.68 10.62
CA VAL A 20 14.57 -11.61 11.23
C VAL A 20 13.52 -11.89 10.16
N THR A 21 12.43 -12.57 10.56
CA THR A 21 11.32 -12.87 9.66
C THR A 21 10.03 -12.29 10.20
N LEU A 22 9.26 -11.70 9.30
CA LEU A 22 7.94 -11.14 9.55
C LEU A 22 6.93 -11.99 8.78
N THR A 23 5.72 -12.15 9.32
CA THR A 23 4.74 -12.98 8.62
C THR A 23 3.42 -12.26 8.37
N CYS A 24 2.63 -12.88 7.49
CA CYS A 24 1.41 -12.29 6.96
C CYS A 24 0.42 -13.45 6.84
N ARG A 25 -0.66 -13.41 7.62
CA ARG A 25 -1.62 -14.49 7.75
C ARG A 25 -2.95 -14.08 7.13
N SER A 26 -3.60 -15.02 6.46
CA SER A 26 -4.92 -14.81 5.89
C SER A 26 -5.98 -15.47 6.76
N SER A 27 -7.08 -14.74 7.01
CA SER A 27 -8.20 -15.31 7.76
C SER A 27 -8.92 -16.41 6.98
N THR A 28 -8.72 -16.48 5.66
CA THR A 28 -9.47 -17.44 4.84
C THR A 28 -8.84 -18.82 4.83
N GLY A 29 -7.62 -18.95 5.32
CA GLY A 29 -6.92 -20.21 5.21
C GLY A 29 -5.47 -19.96 4.86
N ALA A 30 -4.81 -20.92 4.24
CA ALA A 30 -3.40 -20.76 3.93
C ALA A 30 -3.19 -19.65 2.91
N VAL A 31 -2.11 -18.89 3.10
CA VAL A 31 -1.61 -18.03 2.04
C VAL A 31 -0.95 -18.90 0.98
N THR A 32 -1.29 -18.67 -0.28
CA THR A 32 -0.76 -19.44 -1.39
C THR A 32 -0.18 -18.47 -2.42
N THR A 33 0.47 -19.03 -3.44
CA THR A 33 1.01 -18.16 -4.48
C THR A 33 -0.10 -17.39 -5.21
N SER A 34 -1.33 -17.89 -5.21
CA SER A 34 -2.44 -17.18 -5.84
CA SER A 34 -2.42 -17.17 -5.86
C SER A 34 -2.82 -15.91 -5.10
N ASN A 35 -2.28 -15.69 -3.90
CA ASN A 35 -2.47 -14.43 -3.18
C ASN A 35 -1.42 -13.38 -3.54
N TYR A 36 -0.42 -13.72 -4.34
CA TYR A 36 0.54 -12.75 -4.89
C TYR A 36 1.09 -11.82 -3.81
N ALA A 37 1.55 -12.40 -2.70
CA ALA A 37 1.84 -11.57 -1.54
C ALA A 37 2.86 -10.50 -1.88
N ASN A 38 2.59 -9.27 -1.46
CA ASN A 38 3.49 -8.14 -1.61
C ASN A 38 3.89 -7.64 -0.23
N TRP A 39 5.10 -7.09 -0.17
CA TRP A 39 5.61 -6.47 1.05
C TRP A 39 6.06 -5.07 0.68
N VAL A 40 5.62 -4.08 1.49
CA VAL A 40 5.90 -2.66 1.30
CA VAL A 40 5.98 -2.69 1.28
C VAL A 40 6.49 -2.11 2.59
N GLN A 41 7.45 -1.21 2.47
CA GLN A 41 8.12 -0.63 3.63
C GLN A 41 7.73 0.83 3.78
N GLU A 42 7.35 1.24 4.99
CA GLU A 42 7.06 2.63 5.30
C GLU A 42 8.17 3.16 6.19
N LYS A 43 8.94 4.10 5.66
CA LYS A 43 10.01 4.67 6.44
C LYS A 43 9.52 5.99 7.02
N PRO A 44 10.19 6.52 8.04
CA PRO A 44 9.76 7.81 8.59
C PRO A 44 9.70 8.90 7.54
N ASP A 45 8.82 9.87 7.79
CA ASP A 45 8.36 10.83 6.80
C ASP A 45 7.41 10.19 5.79
N HIS A 46 6.73 9.12 6.19
CA HIS A 46 5.62 8.54 5.41
C HIS A 46 6.06 8.17 3.99
N LEU A 47 7.25 7.60 3.87
CA LEU A 47 7.85 7.26 2.58
C LEU A 47 7.71 5.76 2.36
N PHE A 48 6.99 5.38 1.31
CA PHE A 48 6.71 3.98 1.02
C PHE A 48 7.53 3.49 -0.16
N THR A 49 8.01 2.24 -0.07
CA THR A 49 8.74 1.57 -1.14
CA THR A 49 8.67 1.60 -1.18
C THR A 49 8.25 0.14 -1.20
N GLY A 50 7.94 -0.36 -2.40
CA GLY A 50 7.65 -1.78 -2.56
C GLY A 50 8.93 -2.60 -2.54
N LEU A 51 8.91 -3.70 -1.80
CA LEU A 51 10.09 -4.54 -1.65
C LEU A 51 9.98 -5.83 -2.42
N ILE A 52 8.86 -6.53 -2.27
CA ILE A 52 8.65 -7.88 -2.80
C ILE A 52 7.24 -7.91 -3.34
N GLY A 53 7.04 -8.60 -4.46
CA GLY A 53 5.70 -8.95 -4.90
C GLY A 53 5.67 -10.37 -5.43
N GLY A 54 4.48 -10.85 -5.74
CA GLY A 54 4.40 -12.20 -6.28
C GLY A 54 5.04 -13.23 -5.37
N THR A 55 4.84 -13.08 -4.06
CA THR A 55 5.41 -13.93 -3.02
C THR A 55 6.90 -13.71 -2.80
N ASN A 56 7.70 -13.81 -3.88
CA ASN A 56 9.15 -13.83 -3.69
C ASN A 56 9.93 -13.06 -4.76
N ASN A 57 9.27 -12.20 -5.53
CA ASN A 57 9.96 -11.42 -6.56
CA ASN A 57 9.93 -11.42 -6.57
C ASN A 57 10.38 -10.09 -5.96
N ARG A 58 11.70 -9.88 -5.88
CA ARG A 58 12.21 -8.65 -5.30
CA ARG A 58 12.21 -8.65 -5.30
C ARG A 58 12.26 -7.56 -6.35
N ALA A 59 11.81 -6.36 -5.98
CA ALA A 59 11.77 -5.25 -6.91
C ALA A 59 13.17 -4.74 -7.20
N PRO A 60 13.39 -4.19 -8.39
CA PRO A 60 14.71 -3.66 -8.76
C PRO A 60 15.18 -2.60 -7.77
N GLY A 61 16.48 -2.65 -7.46
CA GLY A 61 17.07 -1.65 -6.58
C GLY A 61 16.88 -1.90 -5.10
N VAL A 62 15.99 -2.81 -4.72
CA VAL A 62 15.82 -3.15 -3.30
C VAL A 62 17.04 -3.93 -2.83
N PRO A 63 17.57 -3.67 -1.62
CA PRO A 63 18.72 -4.44 -1.16
C PRO A 63 18.44 -5.93 -1.17
N ALA A 64 19.46 -6.70 -1.55
CA ALA A 64 19.32 -8.15 -1.68
C ALA A 64 19.04 -8.85 -0.35
N ARG A 65 19.30 -8.19 0.79
CA ARG A 65 19.00 -8.78 2.09
C ARG A 65 17.51 -8.96 2.34
N PHE A 66 16.63 -8.40 1.51
CA PHE A 66 15.19 -8.66 1.65
C PHE A 66 14.79 -9.82 0.75
N SER A 67 14.01 -10.77 1.30
CA SER A 67 13.52 -11.89 0.51
CA SER A 67 13.53 -11.90 0.51
C SER A 67 12.14 -12.30 1.00
N GLY A 68 11.34 -12.86 0.11
CA GLY A 68 10.00 -13.32 0.46
C GLY A 68 9.86 -14.81 0.23
N SER A 69 8.98 -15.44 1.01
CA SER A 69 8.70 -16.86 0.85
C SER A 69 7.33 -17.15 1.45
N LEU A 70 6.91 -18.40 1.37
CA LEU A 70 5.77 -18.90 2.15
C LEU A 70 6.35 -19.85 3.20
N ILE A 71 5.95 -19.63 4.46
N ILE A 71 6.01 -19.61 4.47
CA ILE A 71 6.33 -20.48 5.59
CA ILE A 71 6.46 -20.46 5.55
C ILE A 71 5.11 -20.63 6.49
C ILE A 71 5.22 -21.07 6.19
N GLY A 72 4.83 -21.86 6.92
N GLY A 72 5.06 -22.38 6.03
CA GLY A 72 3.73 -22.11 7.83
CA GLY A 72 3.83 -23.02 6.43
C GLY A 72 2.39 -21.60 7.33
C GLY A 72 2.68 -22.40 5.66
N ASP A 73 2.15 -21.73 6.03
N ASP A 73 1.76 -21.76 6.40
CA ASP A 73 0.90 -21.29 5.39
CA ASP A 73 0.54 -21.21 5.84
C ASP A 73 0.66 -19.80 5.56
C ASP A 73 0.56 -19.69 5.72
N LYS A 74 1.73 -19.06 5.80
CA LYS A 74 1.77 -17.61 5.81
C LYS A 74 2.77 -17.10 4.79
N ALA A 75 2.60 -15.85 4.35
CA ALA A 75 3.67 -15.19 3.61
C ALA A 75 4.69 -14.65 4.61
N ALA A 76 5.95 -14.65 4.22
CA ALA A 76 7.03 -14.31 5.13
C ALA A 76 8.05 -13.43 4.44
N LEU A 77 8.43 -12.35 5.10
CA LEU A 77 9.48 -11.46 4.64
C LEU A 77 10.67 -11.69 5.57
N THR A 78 11.83 -12.04 4.99
CA THR A 78 13.04 -12.25 5.79
C THR A 78 14.06 -11.18 5.44
N ILE A 79 14.62 -10.56 6.47
CA ILE A 79 15.69 -9.58 6.33
C ILE A 79 16.96 -10.24 6.85
N THR A 80 17.92 -10.46 5.96
CA THR A 80 19.13 -11.23 6.29
C THR A 80 20.27 -10.25 6.53
N GLY A 81 20.55 -9.97 7.80
CA GLY A 81 21.56 -8.98 8.15
C GLY A 81 20.93 -7.62 8.28
N ALA A 82 20.01 -7.44 9.23
CA ALA A 82 19.28 -6.20 9.35
C ALA A 82 20.23 -5.01 9.54
N GLN A 83 19.89 -3.90 8.91
CA GLN A 83 20.64 -2.66 9.04
C GLN A 83 19.82 -1.67 9.84
N THR A 84 20.49 -0.69 10.45
CA THR A 84 19.75 0.27 11.27
C THR A 84 18.67 0.98 10.45
N GLU A 85 18.91 1.22 9.18
CA GLU A 85 17.92 1.90 8.36
C GLU A 85 16.75 1.02 7.96
N ASP A 86 16.77 -0.25 8.33
CA ASP A 86 15.60 -1.10 8.12
C ASP A 86 14.54 -0.92 9.19
N GLU A 87 14.80 -0.09 10.19
CA GLU A 87 13.76 0.22 11.16
C GLU A 87 12.63 0.97 10.46
N ALA A 88 11.42 0.41 10.48
CA ALA A 88 10.35 0.86 9.60
C ALA A 88 9.10 0.06 9.93
N ILE A 89 7.98 0.43 9.31
CA ILE A 89 6.77 -0.37 9.37
C ILE A 89 6.67 -1.14 8.07
N TYR A 90 6.44 -2.45 8.17
CA TYR A 90 6.32 -3.31 6.98
C TYR A 90 4.88 -3.77 6.85
N PHE A 91 4.28 -3.52 5.70
CA PHE A 91 2.92 -3.96 5.43
C PHE A 91 2.94 -5.05 4.38
N CYS A 92 2.17 -6.09 4.60
N CYS A 92 2.10 -6.06 4.56
CA CYS A 92 1.92 -7.03 3.52
CA CYS A 92 1.90 -7.11 3.58
C CYS A 92 0.58 -6.73 2.86
C CYS A 92 0.52 -6.95 2.94
N ALA A 93 0.43 -7.26 1.65
CA ALA A 93 -0.84 -7.15 0.93
C ALA A 93 -1.08 -8.48 0.25
N LEU A 94 -2.31 -8.99 0.34
CA LEU A 94 -2.71 -10.23 -0.29
C LEU A 94 -3.84 -9.96 -1.29
N TRP A 95 -3.79 -10.68 -2.41
CA TRP A 95 -4.78 -10.57 -3.48
C TRP A 95 -5.82 -11.68 -3.35
N TYR A 96 -7.09 -11.28 -3.37
CA TYR A 96 -8.21 -12.20 -3.24
C TYR A 96 -9.10 -12.05 -4.48
N SER A 97 -8.63 -12.57 -5.61
CA SER A 97 -9.41 -12.69 -6.85
C SER A 97 -9.69 -11.37 -7.55
N ASN A 98 -10.13 -10.35 -6.80
CA ASN A 98 -10.45 -9.09 -7.45
C ASN A 98 -10.23 -7.89 -6.52
N HIS A 99 -9.49 -8.07 -5.42
CA HIS A 99 -9.17 -6.94 -4.55
C HIS A 99 -7.93 -7.30 -3.76
N TRP A 100 -7.22 -6.28 -3.31
CA TRP A 100 -6.11 -6.42 -2.37
C TRP A 100 -6.61 -6.13 -0.96
N VAL A 101 -6.03 -6.80 0.03
CA VAL A 101 -6.24 -6.46 1.43
C VAL A 101 -4.86 -6.32 2.08
N PHE A 102 -4.64 -5.20 2.76
CA PHE A 102 -3.39 -4.99 3.49
C PHE A 102 -3.50 -5.56 4.90
N GLY A 103 -2.39 -6.10 5.39
CA GLY A 103 -2.28 -6.41 6.80
C GLY A 103 -2.14 -5.14 7.62
N GLY A 104 -2.17 -5.31 8.94
CA GLY A 104 -2.11 -4.17 9.85
C GLY A 104 -0.74 -3.52 9.99
N GLY A 105 0.29 -4.13 9.44
CA GLY A 105 1.65 -3.62 9.51
C GLY A 105 2.39 -4.13 10.74
N THR A 106 3.70 -4.31 10.58
CA THR A 106 4.58 -4.67 11.69
C THR A 106 5.59 -3.55 11.89
N LYS A 107 5.65 -3.00 13.11
CA LYS A 107 6.69 -2.05 13.48
CA LYS A 107 6.70 -2.06 13.48
C LYS A 107 7.96 -2.84 13.81
N LEU A 108 8.98 -2.71 12.97
CA LEU A 108 10.27 -3.37 13.21
C LEU A 108 11.21 -2.34 13.83
N THR A 109 11.59 -2.58 15.09
CA THR A 109 12.63 -1.80 15.75
C THR A 109 13.97 -2.49 15.51
N VAL A 110 14.97 -1.72 15.07
CA VAL A 110 16.33 -2.23 14.99
C VAL A 110 17.12 -1.50 16.05
N LEU A 111 17.41 -2.20 17.16
CA LEU A 111 18.05 -1.54 18.29
C LEU A 111 19.50 -1.23 17.96
N GLY A 112 19.90 0.00 18.16
CA GLY A 112 21.29 0.39 17.88
C GLY A 112 21.47 1.37 16.74
N GLN A 128 14.01 9.05 -13.88
CA GLN A 128 13.60 8.40 -12.64
C GLN A 128 12.09 8.39 -12.56
N VAL A 129 11.56 7.32 -11.97
CA VAL A 129 10.11 7.18 -11.85
C VAL A 129 9.63 8.06 -10.71
N GLN A 130 8.59 8.85 -10.98
CA GLN A 130 7.97 9.63 -9.92
C GLN A 130 6.46 9.58 -10.04
N LEU A 131 5.80 9.43 -8.91
CA LEU A 131 4.36 9.61 -8.81
CA LEU A 131 4.36 9.61 -8.79
C LEU A 131 4.19 10.89 -7.99
N GLN A 132 3.62 11.91 -8.62
CA GLN A 132 3.59 13.28 -8.04
C GLN A 132 2.18 13.59 -7.50
N GLN A 133 2.08 13.68 -6.19
CA GLN A 133 0.83 14.03 -5.55
C GLN A 133 0.96 15.37 -4.83
N PRO A 134 -0.07 16.20 -4.83
CA PRO A 134 -0.02 17.44 -4.05
C PRO A 134 0.11 17.09 -2.57
N GLY A 135 0.77 17.97 -1.83
CA GLY A 135 1.02 17.70 -0.41
C GLY A 135 -0.22 17.58 0.45
N ALA A 136 -1.24 18.41 0.21
CA ALA A 136 -2.36 18.45 1.15
C ALA A 136 -3.61 19.01 0.51
N GLU A 137 -4.74 18.66 1.11
CA GLU A 137 -6.03 19.27 0.80
CA GLU A 137 -5.99 19.32 0.81
C GLU A 137 -6.75 19.55 2.11
N LEU A 138 -7.03 20.81 2.41
CA LEU A 138 -7.82 21.20 3.56
C LEU A 138 -9.22 21.52 3.04
N VAL A 139 -10.20 20.73 3.46
CA VAL A 139 -11.56 20.86 2.95
C VAL A 139 -12.56 20.88 4.09
N LYS A 140 -13.76 21.38 3.81
CA LYS A 140 -14.79 21.47 4.84
C LYS A 140 -15.55 20.16 4.99
N PRO A 141 -16.07 19.88 6.18
CA PRO A 141 -17.02 18.78 6.32
C PRO A 141 -18.17 18.94 5.35
N GLY A 142 -18.49 17.84 4.65
CA GLY A 142 -19.56 17.83 3.69
C GLY A 142 -19.12 18.14 2.28
N ALA A 143 -17.88 18.62 2.11
CA ALA A 143 -17.42 19.02 0.79
C ALA A 143 -16.95 17.81 -0.03
N SER A 144 -16.53 18.09 -1.27
CA SER A 144 -15.93 17.13 -2.16
CA SER A 144 -15.92 17.12 -2.15
C SER A 144 -14.46 17.48 -2.38
N VAL A 145 -13.71 16.50 -2.90
CA VAL A 145 -12.30 16.72 -3.21
C VAL A 145 -11.94 15.82 -4.36
N LYS A 146 -10.99 16.27 -5.19
CA LYS A 146 -10.42 15.43 -6.23
C LYS A 146 -8.91 15.40 -6.03
N LEU A 147 -8.39 14.23 -5.70
CA LEU A 147 -6.97 14.04 -5.47
C LEU A 147 -6.32 13.63 -6.78
N SER A 148 -5.06 14.04 -6.97
CA SER A 148 -4.38 13.79 -8.24
C SER A 148 -3.04 13.09 -8.02
N CYS A 149 -2.61 12.37 -9.05
CA CYS A 149 -1.35 11.63 -8.98
C CYS A 149 -0.79 11.61 -10.39
N LYS A 150 0.26 12.40 -10.59
CA LYS A 150 0.84 12.54 -11.93
C LYS A 150 2.04 11.60 -12.08
N ALA A 151 2.00 10.78 -13.12
CA ALA A 151 3.09 9.84 -13.39
C ALA A 151 4.14 10.50 -14.27
N SER A 152 5.40 10.35 -13.89
CA SER A 152 6.45 10.81 -14.77
C SER A 152 7.63 9.86 -14.71
N GLY A 153 8.38 9.81 -15.81
CA GLY A 153 9.52 8.92 -15.89
C GLY A 153 9.20 7.49 -16.28
N TYR A 154 7.96 7.18 -16.62
CA TYR A 154 7.58 5.86 -17.06
C TYR A 154 6.30 5.98 -17.89
N THR A 155 5.93 4.89 -18.53
CA THR A 155 4.75 4.90 -19.40
C THR A 155 3.50 4.66 -18.56
N PHE A 156 2.73 5.74 -18.36
CA PHE A 156 1.56 5.72 -17.48
C PHE A 156 0.60 4.58 -17.83
N THR A 157 0.35 4.34 -19.10
CA THR A 157 -0.66 3.36 -19.47
C THR A 157 -0.19 1.91 -19.32
N SER A 158 1.07 1.68 -18.95
CA SER A 158 1.58 0.32 -18.84
C SER A 158 1.46 -0.27 -17.45
N TYR A 159 1.05 0.52 -16.45
CA TYR A 159 0.97 0.08 -15.06
C TYR A 159 -0.41 0.42 -14.51
N LEU A 160 -0.95 -0.48 -13.69
CA LEU A 160 -2.15 -0.12 -12.94
C LEU A 160 -1.78 0.93 -11.90
N MET A 161 -2.75 1.80 -11.62
CA MET A 161 -2.57 2.83 -10.57
C MET A 161 -3.51 2.51 -9.41
N HIS A 162 -2.93 2.33 -8.23
CA HIS A 162 -3.68 1.99 -7.03
C HIS A 162 -3.74 3.19 -6.11
N TRP A 163 -4.75 3.17 -5.24
CA TRP A 163 -4.94 4.22 -4.25
C TRP A 163 -5.15 3.54 -2.91
N VAL A 164 -4.52 4.12 -1.87
CA VAL A 164 -4.44 3.53 -0.55
C VAL A 164 -4.65 4.63 0.49
N LYS A 165 -5.39 4.32 1.55
CA LYS A 165 -5.71 5.26 2.61
C LYS A 165 -4.92 4.89 3.87
N GLN A 166 -4.33 5.90 4.53
CA GLN A 166 -3.68 5.66 5.81
C GLN A 166 -4.14 6.67 6.85
N ARG A 167 -4.76 6.17 7.90
N ARG A 167 -4.93 6.23 7.81
CA ARG A 167 -5.04 6.90 9.12
CA ARG A 167 -5.38 7.14 8.84
C ARG A 167 -4.17 6.38 10.26
C ARG A 167 -4.25 7.39 9.83
N PRO A 168 -3.78 7.23 11.20
N PRO A 168 -4.29 8.52 10.55
CA PRO A 168 -2.83 6.81 12.24
CA PRO A 168 -3.20 8.82 11.52
C PRO A 168 -3.36 5.65 13.06
C PRO A 168 -2.87 7.66 12.46
N GLY A 169 -2.48 4.71 13.37
N GLY A 169 -3.87 7.07 13.12
CA GLY A 169 -2.87 3.52 14.12
CA GLY A 169 -3.60 5.91 13.94
C GLY A 169 -3.98 2.71 13.47
C GLY A 169 -4.07 4.61 13.32
N ARG A 170 -4.17 2.87 12.17
N ARG A 170 -3.41 4.15 12.25
CA ARG A 170 -5.21 2.16 11.44
CA ARG A 170 -3.90 2.96 11.55
C ARG A 170 -4.67 1.39 10.26
C ARG A 170 -2.90 2.55 10.48
N GLY A 171 -3.36 1.39 10.05
N GLY A 171 -3.10 1.33 9.97
CA GLY A 171 -2.79 0.69 8.92
CA GLY A 171 -2.31 0.82 8.88
C GLY A 171 -3.30 1.18 7.59
C GLY A 171 -2.72 1.40 7.55
N LEU A 172 -2.80 0.56 6.53
CA LEU A 172 -3.20 0.91 5.19
C LEU A 172 -4.51 0.23 4.84
N GLU A 173 -5.32 0.91 4.03
CA GLU A 173 -6.60 0.37 3.55
C GLU A 173 -6.58 0.52 2.04
N TRP A 174 -6.76 -0.57 1.32
CA TRP A 174 -6.81 -0.51 -0.13
C TRP A 174 -8.11 0.13 -0.56
N ILE A 175 -8.05 1.14 -1.42
CA ILE A 175 -9.26 1.76 -1.95
C ILE A 175 -9.67 1.11 -3.26
N GLY A 176 -8.74 1.03 -4.21
CA GLY A 176 -9.03 0.44 -5.49
C GLY A 176 -7.91 0.74 -6.46
N ARG A 177 -8.11 0.31 -7.69
CA ARG A 177 -7.13 0.61 -8.73
C ARG A 177 -7.84 0.92 -10.03
N ILE A 178 -7.10 1.56 -10.92
CA ILE A 178 -7.58 1.85 -12.27
C ILE A 178 -6.53 1.38 -13.27
N ASP A 179 -6.98 0.85 -14.40
CA ASP A 179 -6.10 0.57 -15.53
C ASP A 179 -6.08 1.81 -16.41
N PRO A 180 -5.00 2.57 -16.46
CA PRO A 180 -5.03 3.83 -17.22
C PRO A 180 -5.19 3.62 -18.72
N ASN A 181 -4.81 2.45 -19.20
CA ASN A 181 -4.96 2.16 -20.62
C ASN A 181 -6.43 2.06 -21.00
N SER A 182 -7.28 1.59 -20.06
CA SER A 182 -8.66 1.29 -20.37
C SER A 182 -9.67 2.08 -19.56
N GLY A 183 -9.29 2.70 -18.45
CA GLY A 183 -10.23 3.30 -17.53
C GLY A 183 -10.93 2.31 -16.62
N GLY A 184 -10.63 1.02 -16.71
CA GLY A 184 -11.33 0.03 -15.91
C GLY A 184 -10.91 0.07 -14.45
N THR A 185 -11.90 -0.06 -13.58
CA THR A 185 -11.66 0.08 -12.14
C THR A 185 -12.01 -1.20 -11.37
N LYS A 186 -11.35 -1.35 -10.22
CA LYS A 186 -11.70 -2.35 -9.23
CA LYS A 186 -11.71 -2.35 -9.23
C LYS A 186 -11.61 -1.67 -7.87
N TYR A 187 -12.61 -1.90 -7.01
CA TYR A 187 -12.62 -1.24 -5.70
C TYR A 187 -12.72 -2.27 -4.57
N SER A 188 -12.28 -1.84 -3.40
CA SER A 188 -12.58 -2.60 -2.20
CA SER A 188 -12.56 -2.55 -2.17
C SER A 188 -14.04 -2.40 -1.83
N GLU A 189 -14.55 -3.35 -1.05
CA GLU A 189 -15.92 -3.25 -0.58
C GLU A 189 -16.15 -1.96 0.21
N LYS A 190 -15.16 -1.55 1.00
CA LYS A 190 -15.35 -0.32 1.79
C LYS A 190 -15.44 0.94 0.95
N PHE A 191 -14.91 0.96 -0.28
CA PHE A 191 -14.82 2.17 -1.07
C PHE A 191 -15.61 2.11 -2.37
N LYS A 192 -16.29 1.01 -2.60
CA LYS A 192 -17.09 0.81 -3.83
C LYS A 192 -18.19 1.84 -4.01
N SER A 193 -18.66 2.46 -2.94
CA SER A 193 -19.66 3.50 -3.03
CA SER A 193 -19.67 3.50 -3.01
C SER A 193 -19.15 4.87 -2.57
N LYS A 194 -17.83 5.02 -2.45
CA LYS A 194 -17.24 6.26 -1.98
C LYS A 194 -16.31 6.88 -3.00
N ALA A 195 -15.40 6.12 -3.57
CA ALA A 195 -14.35 6.65 -4.43
C ALA A 195 -14.76 6.56 -5.90
N THR A 196 -14.34 7.55 -6.67
CA THR A 196 -14.50 7.54 -8.12
C THR A 196 -13.11 7.72 -8.72
N LEU A 197 -12.61 6.71 -9.43
CA LEU A 197 -11.28 6.75 -10.04
C LEU A 197 -11.39 7.04 -11.52
N THR A 198 -10.57 7.98 -12.01
CA THR A 198 -10.50 8.30 -13.43
C THR A 198 -9.03 8.52 -13.79
N VAL A 199 -8.75 8.66 -15.09
CA VAL A 199 -7.43 9.07 -15.55
C VAL A 199 -7.60 10.09 -16.67
N ASP A 200 -6.54 10.87 -16.87
CA ASP A 200 -6.40 11.69 -18.05
C ASP A 200 -5.11 11.25 -18.72
N LYS A 201 -5.23 10.65 -19.90
CA LYS A 201 -4.04 10.13 -20.56
C LYS A 201 -3.06 11.21 -21.04
N PRO A 202 -3.51 12.31 -21.65
CA PRO A 202 -2.54 13.29 -22.17
C PRO A 202 -1.64 13.88 -21.10
N SER A 203 -2.14 14.03 -19.89
CA SER A 203 -1.34 14.55 -18.80
C SER A 203 -0.78 13.45 -17.92
N SER A 204 -1.00 12.19 -18.28
CA SER A 204 -0.55 11.04 -17.48
C SER A 204 -0.89 11.20 -16.00
N THR A 205 -2.15 11.57 -15.72
CA THR A 205 -2.58 11.83 -14.36
C THR A 205 -3.77 10.95 -13.98
N ALA A 206 -3.69 10.36 -12.79
CA ALA A 206 -4.79 9.59 -12.22
C ALA A 206 -5.48 10.44 -11.17
N TYR A 207 -6.80 10.28 -11.06
CA TYR A 207 -7.57 11.09 -10.13
C TYR A 207 -8.46 10.22 -9.26
N MET A 208 -8.68 10.68 -8.04
CA MET A 208 -9.64 10.02 -7.13
C MET A 208 -10.54 11.10 -6.50
N GLN A 209 -11.85 10.96 -6.71
CA GLN A 209 -12.81 11.93 -6.20
CA GLN A 209 -12.78 11.95 -6.17
C GLN A 209 -13.65 11.32 -5.08
N PHE A 210 -13.90 12.12 -4.03
CA PHE A 210 -14.80 11.78 -2.94
C PHE A 210 -15.80 12.92 -2.76
N SER A 211 -16.99 12.61 -2.24
CA SER A 211 -17.93 13.66 -1.87
CA SER A 211 -17.98 13.63 -1.89
C SER A 211 -18.43 13.40 -0.46
N SER A 212 -19.21 14.36 0.07
CA SER A 212 -19.79 14.26 1.42
C SER A 212 -18.73 13.87 2.45
N LEU A 213 -17.59 14.56 2.40
CA LEU A 213 -16.47 14.19 3.25
C LEU A 213 -16.76 14.45 4.72
N THR A 214 -16.19 13.60 5.59
CA THR A 214 -16.27 13.76 7.03
C THR A 214 -14.90 13.51 7.63
N SER A 215 -14.79 13.72 8.95
CA SER A 215 -13.53 13.49 9.63
C SER A 215 -13.07 12.06 9.50
N GLU A 216 -13.97 11.11 9.21
CA GLU A 216 -13.57 9.72 8.96
CA GLU A 216 -13.57 9.73 8.97
C GLU A 216 -12.72 9.60 7.71
N ASP A 217 -12.79 10.58 6.81
CA ASP A 217 -12.01 10.58 5.60
C ASP A 217 -10.67 11.29 5.75
N SER A 218 -10.42 11.95 6.88
CA SER A 218 -9.11 12.58 7.08
C SER A 218 -8.04 11.50 7.18
N ALA A 219 -7.02 11.59 6.34
CA ALA A 219 -6.04 10.52 6.21
C ALA A 219 -5.00 11.00 5.21
N VAL A 220 -3.92 10.24 5.08
CA VAL A 220 -3.01 10.39 3.94
C VAL A 220 -3.42 9.40 2.87
N TYR A 221 -3.53 9.88 1.63
CA TYR A 221 -3.92 9.05 0.49
C TYR A 221 -2.73 8.94 -0.43
N TYR A 222 -2.30 7.71 -0.71
CA TYR A 222 -1.19 7.44 -1.60
C TYR A 222 -1.68 6.84 -2.90
N CYS A 223 -0.98 7.17 -3.98
CA CYS A 223 -1.09 6.36 -5.19
C CYS A 223 0.15 5.50 -5.31
N ALA A 224 0.02 4.38 -5.99
CA ALA A 224 1.14 3.46 -6.14
C ALA A 224 0.95 2.72 -7.44
N ARG A 225 2.04 2.52 -8.18
CA ARG A 225 1.90 1.79 -9.44
C ARG A 225 2.16 0.31 -9.22
N TYR A 226 1.60 -0.50 -10.13
CA TYR A 226 1.68 -1.94 -10.05
C TYR A 226 1.65 -2.47 -11.47
N TYR A 227 2.53 -3.39 -11.77
CA TYR A 227 2.50 -4.09 -13.04
C TYR A 227 2.06 -5.52 -12.79
N TYR A 228 1.21 -6.04 -13.67
CA TYR A 228 0.61 -7.36 -13.48
C TYR A 228 1.69 -8.39 -13.15
N GLY A 229 1.46 -9.12 -12.06
CA GLY A 229 2.36 -10.16 -11.61
C GLY A 229 3.62 -9.68 -10.96
N ALA A 230 3.80 -8.37 -10.76
CA ALA A 230 5.06 -7.83 -10.28
C ALA A 230 4.89 -7.32 -8.86
N TYR A 231 4.84 -6.01 -8.64
CA TYR A 231 4.94 -5.41 -7.30
C TYR A 231 4.50 -3.95 -7.29
N PHE A 232 4.12 -3.48 -6.09
CA PHE A 232 3.84 -2.06 -5.84
C PHE A 232 5.16 -1.32 -5.63
N ASP A 233 5.90 -1.14 -6.72
CA ASP A 233 7.28 -0.69 -6.53
C ASP A 233 7.34 0.78 -6.11
N TYR A 234 6.71 1.66 -6.89
CA TYR A 234 6.84 3.10 -6.67
C TYR A 234 5.56 3.67 -6.12
N TRP A 235 5.70 4.55 -5.13
CA TRP A 235 4.60 5.17 -4.43
C TRP A 235 4.71 6.69 -4.49
N GLY A 236 3.57 7.35 -4.56
CA GLY A 236 3.55 8.79 -4.35
C GLY A 236 3.89 9.14 -2.92
N GLN A 237 4.15 10.43 -2.69
CA GLN A 237 4.49 10.88 -1.35
C GLN A 237 3.27 11.05 -0.46
N GLY A 238 2.05 10.96 -1.02
CA GLY A 238 0.82 11.05 -0.28
C GLY A 238 0.27 12.45 -0.23
N THR A 239 -1.05 12.57 -0.31
CA THR A 239 -1.75 13.84 -0.06
C THR A 239 -2.41 13.70 1.30
N THR A 240 -2.12 14.63 2.21
CA THR A 240 -2.81 14.65 3.49
C THR A 240 -4.14 15.38 3.29
N LEU A 241 -5.23 14.64 3.45
CA LEU A 241 -6.56 15.22 3.37
C LEU A 241 -7.03 15.49 4.79
N THR A 242 -7.32 16.75 5.10
CA THR A 242 -7.82 17.13 6.42
CA THR A 242 -7.83 17.10 6.42
C THR A 242 -9.20 17.73 6.25
N VAL A 243 -10.20 17.11 6.85
CA VAL A 243 -11.59 17.53 6.74
C VAL A 243 -11.90 18.27 8.03
N SER A 244 -11.97 19.60 7.95
CA SER A 244 -12.06 20.38 9.18
C SER A 244 -12.80 21.67 8.87
N SER A 245 -13.57 22.16 9.82
CA SER A 245 -14.23 23.44 9.62
C SER A 245 -13.22 24.57 9.74
C FMT B . -5.80 -6.50 -10.91
C FMT B . -5.41 -6.66 -10.82
O1 FMT B . -6.67 -6.79 -11.73
O1 FMT B . -4.51 -7.47 -10.55
O2 FMT B . -5.65 -5.41 -10.36
O2 FMT B . -5.54 -5.56 -10.27
C FMT C . -2.00 -9.95 -10.06
C FMT C . -1.70 -10.23 -10.36
O1 FMT C . -1.03 -9.24 -10.29
O1 FMT C . -0.78 -9.41 -10.48
O2 FMT C . -2.51 -10.11 -8.95
O2 FMT C . -2.43 -10.58 -11.28
C FMT D . -7.46 -2.97 3.73
C FMT D . -7.30 -3.38 4.26
O1 FMT D . -8.63 -2.61 3.87
O1 FMT D . -6.69 -3.36 5.35
O2 FMT D . -6.88 -3.15 2.64
O2 FMT D . -6.82 -3.04 3.18
C1 GOL E . -20.07 21.81 9.52
O1 GOL E . -20.37 23.00 10.23
C2 GOL E . -20.12 22.03 8.03
O2 GOL E . -21.36 22.62 7.64
C3 GOL E . -18.96 22.85 7.51
O3 GOL E . -18.80 22.66 6.11
C1 GOL F . 9.53 2.85 12.93
O1 GOL F . 8.52 3.82 12.64
C2 GOL F . 9.00 1.75 13.82
O2 GOL F . 9.46 0.48 13.37
C3 GOL F . 9.32 1.95 15.30
O3 GOL F . 10.54 1.34 15.68
C1 GOL G . 7.71 -19.63 -1.79
O1 GOL G . 8.26 -20.14 -0.57
C2 GOL G . 7.24 -20.75 -2.69
O2 GOL G . 6.13 -21.41 -2.09
C3 GOL G . 6.88 -20.28 -4.09
O3 GOL G . 7.31 -21.21 -5.09
#